data_4Y61
#
_entry.id   4Y61
#
_cell.length_a   87.227
_cell.length_b   91.308
_cell.length_c   123.389
_cell.angle_alpha   90.00
_cell.angle_beta   90.00
_cell.angle_gamma   90.00
#
_symmetry.space_group_name_H-M   'P 21 21 21'
#
loop_
_entity.id
_entity.type
_entity.pdbx_description
1 polymer 'Receptor-type tyrosine-protein phosphatase delta'
2 polymer 'SLIT and NTRK-like protein 2'
3 non-polymer 2-acetamido-2-deoxy-beta-D-glucopyranose
#
loop_
_entity_poly.entity_id
_entity_poly.type
_entity_poly.pdbx_seq_one_letter_code
_entity_poly.pdbx_strand_id
1 'polypeptide(L)'
;ETPPRFTRTPVDQTGVSGGVASFICQATGDPRPKIVWNKKGKKVSNQRFEVIEFDDGSGSVLRIQPLRTPRDEAIYECVA
SNNVGEISVSTRLTVLREDQIPRGFPTIDMGPQLKVVERTRTATMLCAASGNPDPEITWFKDFLPVDTSNNNGRIKQLRS
ESIGGTPIRGALQIEQSEESDQGKYECVATNSAGTRYSAPANLYVRELREVRRVPPRFSIPPTNHEIMPGGSVNITCVAV
GSPMPYVKWMLGAEDLTPEDDMPIGRNVLELNDVRQSANYTCVAMSTLGVIEAIAQITVKALPKPPGTPVVTESTATSIT
LTWDSGNPEPVSYYIIQHKPKNSEEPYKEIDGIATTRYSVAGLSPYSDYEFRVVAVNNIGRGPASEPVLTQKHHHHHH
;
A
2 'polypeptide(L)'
;MLSGVWFLSVLTVAGILQTESRKTAKDICKIRCLCEEKENVLNINCENKGFTTVSLLQPPQYRIYQLFLNGNLLTRLYPN
EFVNYSNAVTLHLGNNGLQEIRPGAFSGLKTLKRLHLNNNKLEVLREDTFLGLESLEYLQADYNYISTIEAGAFSKLNKL
KVLILNDNLLLSLPSNVFRFVLLTHLDLRGNRLKVMPFAGVLEHIGGIMEIQLEENPWNCTCDLLPLKAWLDTITVFVGE
IVCETPFRLHGKDVTQLTRQDLCPRKHHHHHH
;
B
#
# COMPACT_ATOMS: atom_id res chain seq x y z
N GLU A 1 -15.55 21.02 -50.88
CA GLU A 1 -15.14 22.04 -49.93
C GLU A 1 -16.32 22.84 -49.40
N THR A 2 -16.25 23.20 -48.12
CA THR A 2 -17.32 23.96 -47.49
C THR A 2 -16.69 25.08 -46.67
N PRO A 3 -17.32 26.25 -46.65
CA PRO A 3 -16.81 27.42 -45.90
C PRO A 3 -16.95 27.21 -44.39
N PRO A 4 -16.25 28.02 -43.56
CA PRO A 4 -16.34 27.81 -42.11
C PRO A 4 -17.70 28.15 -41.51
N ARG A 5 -18.04 27.49 -40.40
CA ARG A 5 -19.27 27.75 -39.66
C ARG A 5 -19.04 27.58 -38.17
N PHE A 6 -19.47 28.56 -37.37
CA PHE A 6 -19.19 28.51 -35.94
C PHE A 6 -20.04 27.42 -35.30
N THR A 7 -19.44 26.61 -34.42
CA THR A 7 -20.23 25.71 -33.59
C THR A 7 -20.28 26.21 -32.15
N ARG A 8 -19.34 27.08 -31.81
CA ARG A 8 -19.32 27.76 -30.52
C ARG A 8 -18.81 29.18 -30.65
N THR A 9 -19.65 30.15 -30.31
CA THR A 9 -19.25 31.56 -30.35
C THR A 9 -19.03 32.12 -28.95
N PRO A 10 -18.07 33.06 -28.81
CA PRO A 10 -17.77 33.68 -27.52
C PRO A 10 -18.89 34.60 -27.05
N VAL A 11 -19.04 34.77 -25.73
CA VAL A 11 -20.02 35.69 -25.18
C VAL A 11 -19.37 36.81 -24.38
N ASP A 12 -20.01 37.98 -24.36
CA ASP A 12 -19.51 39.11 -23.58
C ASP A 12 -19.21 38.70 -22.16
N GLN A 13 -18.14 39.24 -21.60
CA GLN A 13 -17.69 38.88 -20.27
C GLN A 13 -17.56 40.13 -19.43
N THR A 14 -17.97 40.02 -18.16
CA THR A 14 -17.59 41.01 -17.18
C THR A 14 -16.82 40.30 -16.07
N GLY A 15 -15.52 40.59 -15.99
CA GLY A 15 -14.66 39.99 -14.98
C GLY A 15 -14.19 40.99 -13.94
N VAL A 16 -13.39 40.52 -13.00
CA VAL A 16 -12.82 41.35 -11.94
C VAL A 16 -11.31 41.46 -12.14
N SER A 17 -10.78 42.68 -11.97
CA SER A 17 -9.35 42.96 -12.04
C SER A 17 -8.51 42.02 -11.19
N GLY A 18 -7.42 41.51 -11.78
CA GLY A 18 -6.56 40.56 -11.10
C GLY A 18 -6.99 39.14 -11.39
N GLY A 19 -8.22 39.01 -11.88
CA GLY A 19 -8.79 37.70 -12.15
C GLY A 19 -8.54 37.17 -13.54
N VAL A 20 -9.42 36.31 -14.01
CA VAL A 20 -9.30 35.69 -15.32
C VAL A 20 -10.54 35.98 -16.15
N ALA A 21 -10.34 36.13 -17.46
CA ALA A 21 -11.44 36.03 -18.38
C ALA A 21 -11.04 35.09 -19.51
N SER A 22 -11.99 34.29 -19.98
CA SER A 22 -11.73 33.39 -21.09
C SER A 22 -12.81 33.57 -22.13
N PHE A 23 -12.39 33.55 -23.38
CA PHE A 23 -13.31 33.56 -24.51
C PHE A 23 -13.09 32.29 -25.30
N ILE A 24 -14.19 31.65 -25.67
CA ILE A 24 -14.12 30.37 -26.34
C ILE A 24 -14.66 30.51 -27.75
N CYS A 25 -13.95 29.93 -28.71
CA CYS A 25 -14.40 29.99 -30.09
C CYS A 25 -14.08 28.67 -30.77
N GLN A 26 -15.04 28.18 -31.55
CA GLN A 26 -14.87 26.95 -32.31
C GLN A 26 -15.62 27.08 -33.62
N ALA A 27 -15.05 26.50 -34.67
CA ALA A 27 -15.63 26.55 -36.00
C ALA A 27 -15.45 25.20 -36.67
N THR A 28 -16.30 24.95 -37.67
CA THR A 28 -16.14 23.77 -38.52
C THR A 28 -16.16 24.22 -39.96
N GLY A 29 -15.79 23.31 -40.86
CA GLY A 29 -15.75 23.57 -42.30
C GLY A 29 -14.85 22.55 -42.97
N ASP A 30 -14.77 22.67 -44.29
CA ASP A 30 -13.95 21.78 -45.06
C ASP A 30 -13.21 22.51 -46.13
N PRO A 31 -11.89 22.64 -45.98
CA PRO A 31 -10.90 22.14 -45.02
C PRO A 31 -11.09 22.74 -43.63
N ARG A 32 -10.48 22.11 -42.62
CA ARG A 32 -10.58 22.60 -41.25
C ARG A 32 -10.06 24.03 -41.19
N PRO A 33 -10.81 24.91 -40.52
CA PRO A 33 -10.53 26.34 -40.46
C PRO A 33 -9.47 26.62 -39.40
N LYS A 34 -8.82 27.77 -39.51
CA LYS A 34 -7.95 28.20 -38.42
C LYS A 34 -8.66 29.35 -37.75
N ILE A 35 -8.22 29.67 -36.55
CA ILE A 35 -8.86 30.72 -35.78
C ILE A 35 -7.78 31.70 -35.39
N VAL A 36 -8.10 32.98 -35.48
CA VAL A 36 -7.24 34.00 -34.90
C VAL A 36 -8.05 34.93 -34.00
N TRP A 37 -7.37 35.55 -33.05
CA TRP A 37 -7.99 36.52 -32.18
C TRP A 37 -7.41 37.90 -32.47
N ASN A 38 -8.29 38.87 -32.69
CA ASN A 38 -7.87 40.23 -33.00
C ASN A 38 -8.41 41.23 -32.01
N LYS A 39 -7.78 42.40 -32.01
CA LYS A 39 -8.37 43.59 -31.40
C LYS A 39 -8.22 44.70 -32.43
N LYS A 40 -9.34 45.30 -32.78
CA LYS A 40 -9.42 46.38 -33.75
C LYS A 40 -8.70 46.01 -35.05
N GLY A 41 -8.86 44.76 -35.42
CA GLY A 41 -8.41 44.22 -36.70
C GLY A 41 -6.92 43.90 -36.72
N LYS A 42 -6.27 44.04 -35.57
CA LYS A 42 -4.86 43.69 -35.48
C LYS A 42 -4.76 42.50 -34.54
N LYS A 43 -3.95 41.52 -34.91
CA LYS A 43 -3.84 40.31 -34.11
C LYS A 43 -3.25 40.58 -32.74
N VAL A 44 -3.90 40.03 -31.72
CA VAL A 44 -3.50 40.23 -30.33
C VAL A 44 -2.09 39.73 -30.06
N SER A 45 -1.32 40.47 -29.29
CA SER A 45 0.03 40.04 -28.91
C SER A 45 0.34 40.73 -27.61
N ASN A 46 0.25 39.97 -26.53
CA ASN A 46 0.44 40.48 -25.19
C ASN A 46 0.81 39.37 -24.23
N GLN A 47 1.75 39.65 -23.34
CA GLN A 47 2.23 38.68 -22.37
C GLN A 47 1.09 38.09 -21.52
N ARG A 48 0.02 38.87 -21.30
CA ARG A 48 -1.05 38.35 -20.45
C ARG A 48 -2.17 37.71 -21.22
N PHE A 49 -2.04 37.62 -22.54
CA PHE A 49 -3.12 37.01 -23.31
C PHE A 49 -2.47 35.75 -23.86
N GLU A 50 -3.09 34.60 -23.63
CA GLU A 50 -2.57 33.35 -24.21
C GLU A 50 -3.69 32.65 -24.95
N VAL A 51 -3.37 32.08 -26.10
CA VAL A 51 -4.34 31.30 -26.83
C VAL A 51 -4.00 29.82 -26.78
N ILE A 52 -4.99 29.04 -26.32
CA ILE A 52 -4.88 27.61 -26.11
C ILE A 52 -5.83 26.90 -27.06
N GLU A 53 -5.26 26.09 -27.95
CA GLU A 53 -6.03 25.34 -28.93
C GLU A 53 -6.65 24.07 -28.38
N PHE A 54 -7.81 23.70 -28.92
CA PHE A 54 -8.35 22.37 -28.67
C PHE A 54 -7.52 21.34 -29.41
N ASP A 55 -7.33 20.18 -28.78
CA ASP A 55 -6.55 19.09 -29.37
C ASP A 55 -7.13 18.63 -30.71
N ASP A 56 -8.44 18.78 -30.87
CA ASP A 56 -9.10 18.37 -32.09
C ASP A 56 -8.82 19.36 -33.23
N GLY A 57 -8.50 20.60 -32.88
CA GLY A 57 -8.15 21.61 -33.87
C GLY A 57 -9.34 22.44 -34.30
N SER A 58 -10.50 22.08 -33.77
CA SER A 58 -11.73 22.81 -34.06
C SER A 58 -11.69 24.30 -33.68
N GLY A 59 -11.51 24.56 -32.37
CA GLY A 59 -11.21 25.89 -31.85
C GLY A 59 -9.91 26.31 -31.09
N SER A 60 -10.11 27.43 -30.39
CA SER A 60 -9.13 28.12 -29.55
C SER A 60 -9.89 28.89 -28.40
N VAL A 61 -9.24 28.94 -27.25
CA VAL A 61 -9.69 29.76 -26.12
C VAL A 61 -8.61 30.79 -25.95
N LEU A 62 -9.07 32.04 -25.90
CA LEU A 62 -8.25 33.16 -25.49
C LEU A 62 -8.45 33.42 -24.01
N ARG A 63 -7.36 33.30 -23.27
CA ARG A 63 -7.37 33.52 -21.85
C ARG A 63 -6.54 34.71 -21.46
N ILE A 64 -7.16 35.55 -20.63
CA ILE A 64 -6.51 36.74 -20.15
C ILE A 64 -6.43 36.65 -18.64
N GLN A 65 -5.20 36.74 -18.14
CA GLN A 65 -4.91 36.65 -16.73
C GLN A 65 -3.50 37.19 -16.54
N PRO A 66 -3.30 38.04 -15.51
CA PRO A 66 -4.32 38.69 -14.70
C PRO A 66 -5.04 39.82 -15.45
N LEU A 67 -6.34 39.97 -15.21
CA LEU A 67 -7.10 41.05 -15.83
C LEU A 67 -6.59 42.41 -15.37
N ARG A 68 -6.54 43.36 -16.29
CA ARG A 68 -6.17 44.73 -15.96
C ARG A 68 -7.26 45.67 -16.48
N THR A 69 -7.55 46.71 -15.71
CA THR A 69 -8.55 47.69 -16.09
C THR A 69 -7.97 49.09 -15.98
N PRO A 70 -8.24 49.95 -17.00
CA PRO A 70 -9.06 49.75 -18.20
C PRO A 70 -8.37 49.00 -19.33
N ARG A 71 -7.11 48.63 -19.14
CA ARG A 71 -6.26 48.05 -20.17
C ARG A 71 -6.96 47.03 -21.05
N ASP A 72 -7.63 46.07 -20.42
CA ASP A 72 -8.19 44.91 -21.12
C ASP A 72 -9.62 45.17 -21.58
N GLU A 73 -10.21 46.29 -21.18
CA GLU A 73 -11.59 46.54 -21.59
C GLU A 73 -11.61 46.80 -23.08
N ALA A 74 -12.36 46.00 -23.84
CA ALA A 74 -12.32 46.13 -25.30
C ALA A 74 -13.27 45.21 -26.05
N ILE A 75 -13.42 45.47 -27.34
CA ILE A 75 -14.01 44.49 -28.26
C ILE A 75 -12.93 43.61 -28.87
N TYR A 76 -13.10 42.29 -28.82
CA TYR A 76 -12.17 41.39 -29.48
C TYR A 76 -12.91 40.61 -30.57
N GLU A 77 -12.21 40.09 -31.57
CA GLU A 77 -12.92 39.32 -32.59
C GLU A 77 -12.25 37.96 -32.80
N CYS A 78 -13.06 36.91 -32.87
CA CYS A 78 -12.62 35.62 -33.37
C CYS A 78 -12.87 35.45 -34.86
N VAL A 79 -11.81 35.13 -35.60
CA VAL A 79 -11.91 34.99 -37.04
C VAL A 79 -11.54 33.58 -37.47
N ALA A 80 -12.49 32.86 -38.07
CA ALA A 80 -12.23 31.53 -38.58
C ALA A 80 -12.11 31.56 -40.11
N SER A 81 -11.05 30.94 -40.64
CA SER A 81 -10.82 30.97 -42.09
C SER A 81 -10.30 29.70 -42.74
N ASN A 82 -10.69 29.49 -44.00
CA ASN A 82 -9.97 28.59 -44.89
C ASN A 82 -9.96 29.20 -46.30
N ASN A 83 -9.43 28.45 -47.26
CA ASN A 83 -9.32 28.95 -48.63
C ASN A 83 -10.69 29.08 -49.31
N VAL A 84 -11.71 28.55 -48.67
CA VAL A 84 -13.05 28.63 -49.18
C VAL A 84 -13.79 29.84 -48.59
N GLY A 85 -13.34 30.33 -47.45
CA GLY A 85 -14.06 31.43 -46.84
C GLY A 85 -13.57 31.94 -45.50
N GLU A 86 -14.21 33.01 -45.03
CA GLU A 86 -13.83 33.64 -43.78
C GLU A 86 -15.05 34.15 -43.03
N ILE A 87 -15.05 34.00 -41.71
CA ILE A 87 -16.15 34.50 -40.90
C ILE A 87 -15.60 35.06 -39.59
N SER A 88 -16.16 36.16 -39.11
CA SER A 88 -15.67 36.69 -37.84
C SER A 88 -16.84 37.00 -36.90
N VAL A 89 -16.55 36.96 -35.61
CA VAL A 89 -17.52 37.39 -34.62
C VAL A 89 -16.89 38.25 -33.52
N SER A 90 -17.59 39.28 -33.09
CA SER A 90 -17.07 40.22 -32.11
C SER A 90 -17.59 39.84 -30.71
N THR A 91 -16.88 40.26 -29.67
CA THR A 91 -17.30 40.05 -28.28
C THR A 91 -16.72 41.13 -27.38
N ARG A 92 -17.32 41.39 -26.23
CA ARG A 92 -16.84 42.48 -25.39
C ARG A 92 -16.30 41.96 -24.06
N LEU A 93 -15.17 42.53 -23.65
CA LEU A 93 -14.63 42.33 -22.31
C LEU A 93 -14.71 43.60 -21.48
N THR A 94 -15.33 43.44 -20.31
CA THR A 94 -15.40 44.43 -19.26
C THR A 94 -14.65 43.97 -18.01
N VAL A 95 -13.95 44.88 -17.33
CA VAL A 95 -13.21 44.51 -16.12
C VAL A 95 -13.48 45.50 -14.99
N LEU A 96 -14.08 45.01 -13.90
CA LEU A 96 -14.38 45.85 -12.74
C LEU A 96 -13.30 45.82 -11.67
N ARG A 97 -13.05 46.97 -11.03
CA ARG A 97 -12.22 47.00 -9.84
C ARG A 97 -12.92 46.39 -8.62
N GLU A 98 -12.13 45.80 -7.72
CA GLU A 98 -12.67 45.24 -6.48
C GLU A 98 -13.40 46.29 -5.67
N ASP A 99 -13.01 47.55 -5.81
CA ASP A 99 -13.72 48.57 -5.04
C ASP A 99 -14.98 49.08 -5.72
N GLN A 100 -15.32 48.50 -6.87
CA GLN A 100 -16.57 48.84 -7.54
C GLN A 100 -17.27 47.53 -7.88
N ILE A 101 -16.89 46.45 -7.20
CA ILE A 101 -17.59 45.17 -7.39
C ILE A 101 -19.00 45.33 -6.87
N PRO A 102 -20.00 44.93 -7.68
CA PRO A 102 -21.34 45.07 -7.10
C PRO A 102 -21.67 44.03 -6.05
N ARG A 103 -22.59 44.36 -5.15
CA ARG A 103 -23.25 43.37 -4.32
C ARG A 103 -23.98 42.35 -5.18
N GLY A 104 -23.67 41.08 -5.00
CA GLY A 104 -24.32 40.04 -5.77
C GLY A 104 -23.41 39.37 -6.77
N PHE A 105 -22.29 40.03 -7.08
CA PHE A 105 -21.31 39.50 -8.02
C PHE A 105 -20.87 38.16 -7.47
N PRO A 106 -20.71 37.13 -8.32
CA PRO A 106 -20.40 35.83 -7.71
C PRO A 106 -19.13 35.84 -6.86
N THR A 107 -19.16 35.08 -5.77
CA THR A 107 -18.02 34.85 -4.89
C THR A 107 -17.70 33.35 -4.89
N ILE A 108 -16.44 32.98 -4.74
CA ILE A 108 -16.10 31.59 -4.45
C ILE A 108 -15.93 31.30 -2.96
N ASP A 109 -16.96 30.70 -2.36
CA ASP A 109 -16.99 30.43 -0.93
C ASP A 109 -16.01 29.32 -0.58
N MET A 110 -15.98 28.29 -1.42
CA MET A 110 -14.99 27.24 -1.25
C MET A 110 -14.65 26.75 -2.64
N GLY A 111 -13.40 26.36 -2.84
CA GLY A 111 -12.94 26.00 -4.17
C GLY A 111 -12.37 24.61 -4.20
N PRO A 112 -12.11 24.10 -5.42
CA PRO A 112 -11.63 22.73 -5.56
C PRO A 112 -10.28 22.61 -4.91
N GLN A 113 -9.93 21.40 -4.52
CA GLN A 113 -8.72 21.20 -3.77
C GLN A 113 -7.88 20.16 -4.49
N LEU A 114 -6.58 20.25 -4.25
CA LEU A 114 -5.65 19.21 -4.62
C LEU A 114 -6.33 17.88 -4.33
N LYS A 115 -6.27 16.98 -5.29
CA LYS A 115 -6.88 15.68 -5.06
C LYS A 115 -6.01 14.63 -5.72
N VAL A 116 -5.86 13.51 -5.02
CA VAL A 116 -5.20 12.35 -5.58
C VAL A 116 -6.13 11.16 -5.71
N VAL A 117 -6.26 10.65 -6.92
CA VAL A 117 -7.15 9.53 -7.16
C VAL A 117 -6.35 8.37 -7.75
N GLU A 118 -6.71 7.15 -7.37
CA GLU A 118 -6.12 5.96 -7.97
C GLU A 118 -6.72 5.75 -9.36
N ARG A 119 -5.90 5.35 -10.32
CA ARG A 119 -6.39 5.07 -11.68
C ARG A 119 -7.61 4.16 -11.63
N THR A 120 -8.62 4.48 -12.43
CA THR A 120 -9.89 3.74 -12.55
C THR A 120 -10.89 4.12 -11.44
N ARG A 121 -10.42 4.82 -10.40
CA ARG A 121 -11.34 5.31 -9.37
C ARG A 121 -11.96 6.64 -9.75
N THR A 122 -13.06 6.99 -9.06
CA THR A 122 -13.75 8.24 -9.32
C THR A 122 -13.07 9.39 -8.58
N ALA A 123 -12.89 10.51 -9.28
CA ALA A 123 -12.42 11.75 -8.65
C ALA A 123 -13.48 12.85 -8.70
N THR A 124 -13.74 13.50 -7.57
CA THR A 124 -14.70 14.60 -7.60
C THR A 124 -14.06 15.92 -7.17
N MET A 125 -14.07 16.88 -8.09
CA MET A 125 -13.64 18.22 -7.79
C MET A 125 -14.86 18.97 -7.32
N LEU A 126 -14.69 19.82 -6.31
CA LEU A 126 -15.83 20.46 -5.70
C LEU A 126 -15.73 21.98 -5.70
N CYS A 127 -16.89 22.64 -5.71
CA CYS A 127 -16.85 24.07 -5.73
C CYS A 127 -18.10 24.55 -5.04
N ALA A 128 -17.96 25.60 -4.26
CA ALA A 128 -19.10 26.21 -3.62
C ALA A 128 -19.00 27.67 -4.00
N ALA A 129 -20.07 28.16 -4.59
CA ALA A 129 -20.08 29.52 -5.09
C ALA A 129 -21.41 30.16 -4.76
N SER A 130 -21.42 31.46 -4.56
CA SER A 130 -22.66 32.12 -4.26
C SER A 130 -22.71 33.45 -4.97
N GLY A 131 -23.87 34.09 -4.97
CA GLY A 131 -24.03 35.35 -5.64
C GLY A 131 -25.48 35.72 -5.74
N ASN A 132 -25.73 36.89 -6.31
CA ASN A 132 -27.10 37.34 -6.55
C ASN A 132 -27.24 38.02 -7.91
N PRO A 133 -27.98 37.40 -8.84
CA PRO A 133 -28.68 36.10 -8.73
C PRO A 133 -27.79 34.89 -8.49
N ASP A 134 -28.39 33.80 -8.02
CA ASP A 134 -27.69 32.54 -7.85
C ASP A 134 -27.04 32.16 -9.20
N PRO A 135 -25.71 32.06 -9.24
CA PRO A 135 -24.92 31.82 -10.47
C PRO A 135 -24.85 30.38 -10.98
N GLU A 136 -24.63 30.24 -12.30
CA GLU A 136 -24.26 28.95 -12.88
C GLU A 136 -22.76 28.66 -12.75
N ILE A 137 -22.43 27.41 -12.45
CA ILE A 137 -21.05 26.95 -12.36
C ILE A 137 -20.59 26.11 -13.56
N THR A 138 -19.47 26.53 -14.16
CA THR A 138 -18.80 25.77 -15.23
C THR A 138 -17.34 25.50 -14.88
N TRP A 139 -16.69 24.60 -15.62
CA TRP A 139 -15.35 24.15 -15.27
C TRP A 139 -14.31 24.23 -16.40
N PHE A 140 -13.10 24.64 -16.04
CA PHE A 140 -11.99 24.63 -17.00
C PHE A 140 -10.90 23.69 -16.50
N LYS A 141 -10.23 23.03 -17.43
CA LYS A 141 -9.10 22.17 -17.11
C LYS A 141 -7.95 22.50 -18.04
N ASP A 142 -6.82 22.87 -17.46
CA ASP A 142 -5.63 23.22 -18.26
C ASP A 142 -6.00 24.28 -19.30
N PHE A 143 -6.84 25.22 -18.86
CA PHE A 143 -7.24 26.43 -19.58
C PHE A 143 -8.30 26.20 -20.66
N LEU A 144 -8.84 24.99 -20.79
CA LEU A 144 -9.87 24.76 -21.80
C LEU A 144 -11.15 24.39 -21.05
N PRO A 145 -12.33 24.83 -21.55
CA PRO A 145 -13.54 24.36 -20.87
C PRO A 145 -13.81 22.85 -20.82
N VAL A 146 -14.25 22.37 -19.66
CA VAL A 146 -14.63 20.96 -19.47
C VAL A 146 -15.88 20.68 -20.31
N ASP A 147 -15.92 19.63 -21.11
CA ASP A 147 -17.19 19.34 -21.78
C ASP A 147 -18.02 18.33 -20.99
N THR A 148 -19.20 18.75 -20.55
CA THR A 148 -20.13 17.84 -19.86
C THR A 148 -21.52 17.91 -20.48
N SER A 149 -21.58 18.38 -21.72
CA SER A 149 -22.83 18.44 -22.46
C SER A 149 -23.47 17.05 -22.48
N ASN A 150 -22.67 16.07 -22.84
CA ASN A 150 -23.11 14.68 -22.82
C ASN A 150 -23.31 14.21 -21.39
N ASN A 151 -24.54 14.27 -20.92
CA ASN A 151 -24.92 13.73 -19.62
C ASN A 151 -24.55 12.25 -19.53
N ASN A 152 -24.47 11.61 -20.68
CA ASN A 152 -24.19 10.18 -20.81
C ASN A 152 -22.72 9.80 -20.81
N GLY A 153 -21.85 10.68 -20.34
CA GLY A 153 -20.42 10.45 -20.44
C GLY A 153 -19.68 10.26 -19.13
N ARG A 154 -18.37 10.13 -19.24
CA ARG A 154 -17.48 9.82 -18.13
C ARG A 154 -17.39 10.97 -17.14
N ILE A 155 -17.47 12.21 -17.63
CA ILE A 155 -17.39 13.36 -16.74
C ILE A 155 -18.76 14.03 -16.70
N LYS A 156 -19.23 14.12 -15.47
CA LYS A 156 -20.53 14.63 -15.09
C LYS A 156 -20.51 15.85 -14.17
N GLN A 157 -21.41 16.81 -14.37
CA GLN A 157 -21.48 17.92 -13.43
C GLN A 157 -22.77 17.71 -12.62
N LEU A 158 -22.72 18.03 -11.34
CA LEU A 158 -23.86 17.75 -10.48
C LEU A 158 -24.54 19.03 -10.03
N ARG A 159 -25.80 18.90 -9.65
CA ARG A 159 -26.60 20.02 -9.16
C ARG A 159 -26.43 20.27 -7.65
N SER A 160 -27.14 21.27 -7.14
CA SER A 160 -27.12 21.56 -5.70
C SER A 160 -28.25 21.01 -4.80
N GLU A 161 -29.54 21.23 -5.09
CA GLU A 161 -30.07 21.85 -6.31
C GLU A 161 -30.43 23.32 -6.11
N SER A 162 -31.00 23.65 -4.95
CA SER A 162 -31.51 25.01 -4.72
C SER A 162 -30.98 25.65 -3.43
N ILE A 163 -30.02 26.57 -3.59
CA ILE A 163 -29.42 27.30 -2.48
C ILE A 163 -29.38 28.79 -2.82
N GLY A 164 -29.73 29.66 -1.88
CA GLY A 164 -30.11 29.31 -0.52
C GLY A 164 -29.42 30.20 0.50
N GLY A 165 -29.51 29.83 1.78
CA GLY A 165 -28.88 30.58 2.85
C GLY A 165 -27.38 30.36 2.90
N THR A 166 -26.91 29.44 2.06
CA THR A 166 -25.49 29.15 1.89
C THR A 166 -25.19 29.26 0.39
N PRO A 167 -23.94 28.97 -0.02
CA PRO A 167 -23.70 28.95 -1.48
C PRO A 167 -24.25 27.72 -2.23
N ILE A 168 -24.36 27.90 -3.54
CA ILE A 168 -24.63 26.84 -4.53
C ILE A 168 -23.50 25.84 -4.73
N ARG A 169 -23.81 24.55 -4.66
CA ARG A 169 -22.77 23.55 -4.74
C ARG A 169 -22.60 23.11 -6.19
N GLY A 170 -21.38 23.18 -6.72
CA GLY A 170 -21.10 22.55 -7.98
C GLY A 170 -20.18 21.37 -7.80
N ALA A 171 -20.43 20.28 -8.50
CA ALA A 171 -19.52 19.13 -8.43
C ALA A 171 -19.06 18.74 -9.82
N LEU A 172 -17.77 18.58 -10.02
CA LEU A 172 -17.25 17.93 -11.23
C LEU A 172 -16.81 16.49 -10.98
N GLN A 173 -17.62 15.54 -11.43
CA GLN A 173 -17.40 14.12 -11.19
C GLN A 173 -16.78 13.33 -12.35
N ILE A 174 -15.53 12.90 -12.16
CA ILE A 174 -14.75 12.19 -13.16
C ILE A 174 -14.65 10.69 -12.85
N GLU A 175 -15.50 9.88 -13.48
CA GLU A 175 -15.45 8.43 -13.25
C GLU A 175 -14.33 7.82 -14.07
N GLN A 176 -13.81 6.68 -13.61
CA GLN A 176 -12.81 5.89 -14.33
C GLN A 176 -11.62 6.73 -14.77
N SER A 177 -11.02 7.42 -13.79
CA SER A 177 -9.92 8.35 -14.00
C SER A 177 -8.74 7.75 -14.75
N GLU A 178 -8.10 8.56 -15.59
CA GLU A 178 -6.94 8.11 -16.32
C GLU A 178 -5.87 9.21 -16.29
N GLU A 179 -4.66 8.88 -16.73
CA GLU A 179 -3.54 9.81 -16.62
C GLU A 179 -3.89 11.15 -17.27
N SER A 180 -4.61 11.12 -18.39
CA SER A 180 -4.97 12.33 -19.11
C SER A 180 -5.89 13.24 -18.30
N ASP A 181 -6.58 12.69 -17.31
CA ASP A 181 -7.43 13.46 -16.41
C ASP A 181 -6.61 14.28 -15.43
N GLN A 182 -5.34 13.91 -15.29
CA GLN A 182 -4.41 14.63 -14.42
C GLN A 182 -4.30 16.05 -14.95
N GLY A 183 -4.27 17.03 -14.06
CA GLY A 183 -4.09 18.39 -14.54
C GLY A 183 -4.63 19.46 -13.63
N LYS A 184 -4.70 20.69 -14.15
CA LYS A 184 -5.02 21.82 -13.31
C LYS A 184 -6.46 22.26 -13.53
N TYR A 185 -7.31 22.07 -12.53
CA TYR A 185 -8.73 22.37 -12.66
C TYR A 185 -9.10 23.69 -11.98
N GLU A 186 -9.98 24.46 -12.60
CA GLU A 186 -10.52 25.68 -12.01
C GLU A 186 -12.02 25.65 -12.19
N CYS A 187 -12.75 25.99 -11.15
CA CYS A 187 -14.18 26.25 -11.28
C CYS A 187 -14.52 27.74 -11.40
N VAL A 188 -15.49 27.99 -12.27
CA VAL A 188 -15.88 29.33 -12.72
C VAL A 188 -17.36 29.57 -12.46
N ALA A 189 -17.68 30.67 -11.78
CA ALA A 189 -19.07 31.01 -11.50
C ALA A 189 -19.50 32.26 -12.26
N THR A 190 -20.61 32.14 -12.99
CA THR A 190 -21.09 33.20 -13.86
C THR A 190 -22.58 33.52 -13.67
N ASN A 191 -22.90 34.80 -13.58
CA ASN A 191 -24.27 35.27 -13.72
C ASN A 191 -24.32 36.53 -14.59
N SER A 192 -25.49 37.15 -14.62
CA SER A 192 -25.69 38.31 -15.47
C SER A 192 -24.83 39.51 -15.06
N ALA A 193 -24.31 39.49 -13.84
CA ALA A 193 -23.42 40.55 -13.37
C ALA A 193 -21.97 40.34 -13.82
N GLY A 194 -21.56 39.08 -13.96
CA GLY A 194 -20.20 38.79 -14.37
C GLY A 194 -19.68 37.41 -14.01
N THR A 195 -18.35 37.26 -14.09
CA THR A 195 -17.69 35.97 -14.02
C THR A 195 -16.55 36.00 -13.00
N ARG A 196 -16.45 34.96 -12.17
CA ARG A 196 -15.36 34.81 -11.20
C ARG A 196 -14.72 33.42 -11.23
N TYR A 197 -13.39 33.37 -11.16
CA TYR A 197 -12.66 32.10 -11.12
C TYR A 197 -12.24 31.70 -9.71
N SER A 198 -12.27 30.39 -9.44
CA SER A 198 -11.62 29.83 -8.27
C SER A 198 -10.10 29.83 -8.41
N ALA A 199 -9.40 29.63 -7.31
CA ALA A 199 -7.99 29.27 -7.35
C ALA A 199 -7.87 27.92 -8.05
N PRO A 200 -6.71 27.65 -8.67
CA PRO A 200 -6.57 26.35 -9.32
C PRO A 200 -6.35 25.24 -8.31
N ALA A 201 -6.68 24.03 -8.73
CA ALA A 201 -6.53 22.83 -7.93
C ALA A 201 -5.99 21.72 -8.80
N ASN A 202 -4.90 21.09 -8.38
CA ASN A 202 -4.38 20.02 -9.21
C ASN A 202 -4.98 18.67 -8.86
N LEU A 203 -5.18 17.89 -9.91
CA LEU A 203 -5.58 16.49 -9.83
C LEU A 203 -4.40 15.65 -10.23
N TYR A 204 -4.07 14.70 -9.34
CA TYR A 204 -3.07 13.66 -9.55
C TYR A 204 -3.64 12.26 -9.66
N VAL A 205 -3.01 11.46 -10.51
CA VAL A 205 -3.44 10.10 -10.74
C VAL A 205 -2.32 9.15 -10.38
N ARG A 206 -2.59 8.36 -9.35
CA ARG A 206 -1.64 7.48 -8.69
C ARG A 206 -2.01 6.08 -9.17
N GLU A 207 -1.03 5.19 -9.29
CA GLU A 207 -1.34 3.86 -9.80
C GLU A 207 -2.12 3.04 -8.79
N LEU A 208 -3.08 2.30 -9.33
CA LEU A 208 -4.07 1.60 -8.53
C LEU A 208 -3.42 0.68 -7.52
N ARG A 209 -3.82 0.83 -6.27
CA ARG A 209 -3.34 -0.02 -5.20
C ARG A 209 -4.36 -1.11 -4.91
N GLU A 210 -3.95 -2.36 -5.08
CA GLU A 210 -4.85 -3.48 -4.89
C GLU A 210 -4.61 -4.17 -3.55
N VAL A 211 -5.63 -4.13 -2.72
CA VAL A 211 -5.58 -4.71 -1.38
C VAL A 211 -5.25 -6.20 -1.44
N ARG A 212 -4.00 -6.55 -1.13
CA ARG A 212 -3.59 -7.93 -1.23
C ARG A 212 -4.16 -8.75 -0.08
N ARG A 213 -5.27 -9.42 -0.33
CA ARG A 213 -5.87 -10.33 0.64
C ARG A 213 -5.39 -11.75 0.39
N VAL A 214 -4.95 -12.42 1.46
CA VAL A 214 -4.49 -13.80 1.36
C VAL A 214 -5.11 -14.64 2.46
N PRO A 215 -5.91 -15.65 2.07
CA PRO A 215 -6.51 -16.57 3.02
C PRO A 215 -5.45 -17.24 3.87
N PRO A 216 -5.78 -17.60 5.12
CA PRO A 216 -4.82 -18.15 6.10
C PRO A 216 -4.02 -19.35 5.57
N ARG A 217 -2.83 -19.53 6.10
CA ARG A 217 -1.92 -20.59 5.66
C ARG A 217 -1.00 -20.99 6.82
N PHE A 218 -0.90 -22.29 7.07
CA PHE A 218 -0.06 -22.76 8.17
C PHE A 218 1.42 -22.60 7.84
N SER A 219 1.97 -21.45 8.22
CA SER A 219 3.39 -21.20 8.08
C SER A 219 4.20 -22.25 8.81
N ILE A 220 3.86 -22.50 10.07
CA ILE A 220 4.46 -23.60 10.81
C ILE A 220 3.36 -24.51 11.33
N PRO A 221 2.95 -25.49 10.50
CA PRO A 221 1.98 -26.51 10.91
C PRO A 221 2.55 -27.34 12.04
N PRO A 222 1.72 -27.65 13.05
CA PRO A 222 2.20 -28.42 14.20
C PRO A 222 2.68 -29.80 13.77
N THR A 223 3.83 -30.23 14.28
CA THR A 223 4.35 -31.56 13.98
C THR A 223 4.15 -32.49 15.17
N ASN A 224 3.92 -33.77 14.86
CA ASN A 224 3.54 -34.75 15.85
C ASN A 224 4.69 -35.16 16.78
N HIS A 225 4.35 -35.58 17.99
CA HIS A 225 5.36 -35.95 18.98
C HIS A 225 4.98 -37.21 19.73
N GLU A 226 5.99 -37.95 20.18
CA GLU A 226 5.77 -39.08 21.05
C GLU A 226 6.75 -39.01 22.23
N ILE A 227 6.23 -39.15 23.45
CA ILE A 227 7.04 -38.98 24.64
C ILE A 227 6.69 -39.94 25.76
N MET A 228 7.50 -39.94 26.81
CA MET A 228 7.28 -40.76 28.00
C MET A 228 6.28 -40.09 28.94
N PRO A 229 5.53 -40.89 29.70
CA PRO A 229 4.49 -40.38 30.62
C PRO A 229 4.96 -39.25 31.54
N GLY A 230 4.40 -38.07 31.33
CA GLY A 230 4.65 -36.91 32.17
C GLY A 230 6.11 -36.57 32.48
N GLY A 231 6.84 -36.06 31.50
CA GLY A 231 6.31 -35.87 30.16
C GLY A 231 5.79 -34.47 29.88
N SER A 232 6.67 -33.59 29.42
CA SER A 232 6.27 -32.28 28.94
C SER A 232 6.64 -32.13 27.47
N VAL A 233 6.07 -31.12 26.81
CA VAL A 233 6.34 -30.85 25.40
C VAL A 233 5.71 -29.53 24.96
N ASN A 234 6.43 -28.76 24.14
CA ASN A 234 5.93 -27.51 23.57
C ASN A 234 5.67 -27.64 22.08
N ILE A 235 4.41 -27.70 21.68
CA ILE A 235 4.12 -27.81 20.26
C ILE A 235 3.74 -26.43 19.70
N THR A 236 4.32 -26.05 18.57
CA THR A 236 4.12 -24.69 18.08
C THR A 236 3.30 -24.64 16.79
N CYS A 237 2.40 -23.66 16.71
CA CYS A 237 1.54 -23.47 15.54
C CYS A 237 1.67 -22.04 15.01
N VAL A 238 1.87 -21.89 13.71
CA VAL A 238 1.99 -20.56 13.10
C VAL A 238 1.19 -20.40 11.80
N ALA A 239 0.36 -19.37 11.75
CA ALA A 239 -0.47 -19.04 10.59
C ALA A 239 -0.14 -17.66 10.02
N VAL A 240 -0.32 -17.51 8.71
CA VAL A 240 -0.06 -16.25 8.03
C VAL A 240 -1.16 -15.91 7.02
N GLY A 241 -1.25 -14.65 6.65
CA GLY A 241 -2.23 -14.21 5.67
C GLY A 241 -2.77 -12.82 5.94
N SER A 242 -3.51 -12.29 4.98
CA SER A 242 -4.08 -10.95 5.11
C SER A 242 -5.60 -11.00 5.03
N PRO A 243 -6.30 -10.57 6.10
CA PRO A 243 -5.74 -10.11 7.37
C PRO A 243 -5.10 -11.22 8.19
N MET A 244 -4.24 -10.84 9.14
CA MET A 244 -3.54 -11.79 9.99
C MET A 244 -4.55 -12.61 10.80
N PRO A 245 -4.34 -13.93 10.86
CA PRO A 245 -5.31 -14.84 11.49
C PRO A 245 -5.06 -15.13 12.97
N TYR A 246 -6.14 -15.20 13.74
CA TYR A 246 -6.06 -15.61 15.14
C TYR A 246 -5.84 -17.12 15.24
N VAL A 247 -5.04 -17.54 16.22
CA VAL A 247 -4.69 -18.94 16.35
C VAL A 247 -5.05 -19.50 17.73
N LYS A 248 -5.94 -20.50 17.74
CA LYS A 248 -6.33 -21.15 18.99
C LYS A 248 -6.05 -22.65 18.96
N TRP A 249 -5.89 -23.26 20.13
CA TRP A 249 -5.73 -24.70 20.25
C TRP A 249 -6.99 -25.37 20.80
N MET A 250 -7.28 -26.56 20.30
CA MET A 250 -8.47 -27.31 20.69
C MET A 250 -8.13 -28.77 21.01
N LEU A 251 -8.85 -29.32 21.98
CA LEU A 251 -8.81 -30.75 22.25
C LEU A 251 -10.13 -31.36 21.82
N GLY A 252 -10.22 -31.71 20.53
CA GLY A 252 -11.48 -32.16 19.96
C GLY A 252 -12.44 -30.99 19.85
N ALA A 253 -13.46 -30.99 20.70
CA ALA A 253 -14.48 -29.94 20.68
C ALA A 253 -14.10 -28.78 21.59
N GLU A 254 -13.54 -29.11 22.76
CA GLU A 254 -13.18 -28.09 23.74
C GLU A 254 -12.10 -27.15 23.23
N ASP A 255 -12.26 -25.86 23.51
CA ASP A 255 -11.20 -24.89 23.29
C ASP A 255 -10.26 -24.87 24.49
N LEU A 256 -8.96 -24.93 24.22
CA LEU A 256 -7.96 -24.85 25.28
C LEU A 256 -7.66 -23.38 25.54
N THR A 257 -7.34 -22.67 24.47
CA THR A 257 -7.09 -21.23 24.54
C THR A 257 -8.36 -20.49 24.95
N PRO A 258 -8.33 -19.82 26.10
CA PRO A 258 -9.47 -18.99 26.50
C PRO A 258 -9.72 -17.93 25.45
N GLU A 259 -10.99 -17.63 25.20
CA GLU A 259 -11.38 -16.82 24.04
C GLU A 259 -10.84 -15.39 24.08
N ASP A 260 -10.92 -14.76 25.24
CA ASP A 260 -10.60 -13.33 25.35
C ASP A 260 -9.10 -13.06 25.47
N ASP A 261 -8.32 -14.12 25.55
CA ASP A 261 -6.87 -14.01 25.46
C ASP A 261 -6.35 -14.97 24.39
N MET A 262 -6.38 -14.51 23.15
CA MET A 262 -6.08 -15.37 22.01
C MET A 262 -5.11 -14.68 21.05
N PRO A 263 -3.91 -15.25 20.91
CA PRO A 263 -2.80 -14.63 20.17
C PRO A 263 -3.02 -14.57 18.66
N ILE A 264 -2.29 -13.69 18.00
CA ILE A 264 -2.36 -13.57 16.55
C ILE A 264 -1.14 -14.22 15.89
N GLY A 265 -1.38 -14.97 14.82
CA GLY A 265 -0.32 -15.41 13.95
C GLY A 265 0.62 -16.46 14.50
N ARG A 266 0.52 -16.73 15.80
CA ARG A 266 1.37 -17.72 16.44
C ARG A 266 0.84 -18.13 17.80
N ASN A 267 0.70 -19.44 17.98
CA ASN A 267 0.26 -19.99 19.26
C ASN A 267 1.04 -21.26 19.55
N VAL A 268 1.80 -21.24 20.64
CA VAL A 268 2.52 -22.42 21.07
C VAL A 268 1.83 -23.03 22.28
N LEU A 269 1.33 -24.25 22.10
CA LEU A 269 0.68 -25.01 23.15
C LEU A 269 1.70 -25.68 24.06
N GLU A 270 1.63 -25.30 25.34
CA GLU A 270 2.48 -25.85 26.39
C GLU A 270 1.77 -27.04 27.06
N LEU A 271 2.32 -28.23 26.87
CA LEU A 271 1.72 -29.43 27.44
C LEU A 271 2.60 -30.00 28.56
N ASN A 272 2.01 -30.17 29.75
CA ASN A 272 2.76 -30.62 30.91
C ASN A 272 2.19 -31.90 31.52
N ASP A 273 3.09 -32.73 32.05
CA ASP A 273 2.71 -33.98 32.71
C ASP A 273 1.77 -34.80 31.83
N VAL A 274 2.20 -35.11 30.62
CA VAL A 274 1.38 -35.86 29.69
C VAL A 274 1.08 -37.25 30.27
N ARG A 275 -0.18 -37.66 30.15
CA ARG A 275 -0.62 -38.90 30.75
C ARG A 275 -0.99 -39.92 29.68
N GLN A 276 -1.94 -39.55 28.82
CA GLN A 276 -2.36 -40.43 27.73
C GLN A 276 -2.13 -39.74 26.39
N SER A 277 -2.15 -40.51 25.30
CA SER A 277 -2.02 -39.97 23.95
C SER A 277 -3.17 -39.03 23.62
N ALA A 278 -2.96 -38.14 22.65
CA ALA A 278 -3.99 -37.19 22.26
C ALA A 278 -3.80 -36.57 20.87
N ASN A 279 -4.89 -36.56 20.10
CA ASN A 279 -5.05 -35.73 18.93
C ASN A 279 -5.24 -34.27 19.37
N TYR A 280 -4.44 -33.33 18.88
CA TYR A 280 -4.59 -31.92 19.28
C TYR A 280 -4.79 -30.97 18.10
N THR A 281 -5.99 -30.41 17.93
CA THR A 281 -6.26 -29.58 16.77
C THR A 281 -5.78 -28.13 16.94
N CYS A 282 -5.23 -27.55 15.89
CA CYS A 282 -4.86 -26.13 15.90
C CYS A 282 -5.62 -25.37 14.83
N VAL A 283 -6.41 -24.40 15.25
CA VAL A 283 -7.26 -23.66 14.32
C VAL A 283 -6.78 -22.24 14.12
N ALA A 284 -6.60 -21.88 12.85
CA ALA A 284 -6.31 -20.51 12.46
C ALA A 284 -7.50 -19.93 11.73
N MET A 285 -7.93 -18.74 12.12
CA MET A 285 -9.05 -18.10 11.45
C MET A 285 -8.81 -16.64 11.12
N SER A 286 -9.12 -16.27 9.89
CA SER A 286 -9.18 -14.86 9.51
C SER A 286 -10.61 -14.55 9.09
N THR A 287 -10.82 -13.38 8.52
CA THR A 287 -12.13 -13.03 8.00
C THR A 287 -12.34 -13.77 6.68
N LEU A 288 -11.24 -14.34 6.16
CA LEU A 288 -11.25 -15.06 4.88
C LEU A 288 -11.16 -16.57 5.04
N GLY A 289 -11.75 -17.10 6.10
CA GLY A 289 -11.79 -18.54 6.28
C GLY A 289 -11.14 -19.08 7.54
N VAL A 290 -11.37 -20.37 7.75
CA VAL A 290 -10.93 -21.10 8.93
C VAL A 290 -10.23 -22.40 8.52
N ILE A 291 -8.99 -22.58 8.95
CA ILE A 291 -8.26 -23.80 8.67
C ILE A 291 -7.79 -24.47 9.95
N GLU A 292 -7.61 -25.79 9.92
CA GLU A 292 -7.17 -26.51 11.11
C GLU A 292 -6.13 -27.57 10.78
N ALA A 293 -5.27 -27.86 11.75
CA ALA A 293 -4.23 -28.87 11.58
C ALA A 293 -3.92 -29.56 12.90
N ILE A 294 -3.94 -30.89 12.88
CA ILE A 294 -3.82 -31.70 14.09
C ILE A 294 -2.35 -31.94 14.45
N ALA A 295 -2.10 -32.24 15.73
CA ALA A 295 -0.80 -32.63 16.23
C ALA A 295 -0.93 -33.93 17.03
N GLN A 296 -0.18 -34.93 16.64
CA GLN A 296 -0.31 -36.26 17.21
C GLN A 296 0.61 -36.48 18.40
N ILE A 297 0.10 -36.21 19.59
CA ILE A 297 0.87 -36.54 20.79
C ILE A 297 0.59 -38.00 21.12
N THR A 298 1.63 -38.78 21.37
CA THR A 298 1.42 -40.15 21.83
C THR A 298 2.36 -40.48 22.98
N VAL A 299 1.93 -41.41 23.82
CA VAL A 299 2.73 -41.84 24.95
C VAL A 299 3.23 -43.26 24.72
N LYS A 300 4.53 -43.39 24.45
CA LYS A 300 5.12 -44.69 24.16
C LYS A 300 5.65 -45.33 25.44
N ALA A 301 5.40 -46.62 25.60
CA ALA A 301 5.88 -47.36 26.77
C ALA A 301 7.00 -48.31 26.38
N LEU A 302 8.20 -48.04 26.88
CA LEU A 302 9.38 -48.86 26.59
C LEU A 302 9.09 -50.33 26.97
N PRO A 303 9.67 -51.27 26.20
CA PRO A 303 9.24 -52.67 26.10
C PRO A 303 8.88 -53.40 27.41
N LYS A 304 7.91 -54.30 27.29
CA LYS A 304 7.60 -55.27 28.33
C LYS A 304 8.63 -56.39 28.30
N PRO A 305 8.67 -57.24 29.34
CA PRO A 305 9.57 -58.40 29.28
C PRO A 305 9.18 -59.37 28.16
N PRO A 306 10.14 -59.73 27.31
CA PRO A 306 9.93 -60.68 26.20
C PRO A 306 9.43 -62.06 26.67
N GLY A 307 8.78 -62.78 25.75
CA GLY A 307 8.27 -64.10 26.06
C GLY A 307 9.37 -65.15 26.06
N THR A 308 9.57 -65.78 27.22
CA THR A 308 10.62 -66.77 27.50
C THR A 308 11.16 -67.55 26.29
N PRO A 309 12.49 -67.52 26.11
CA PRO A 309 13.18 -68.20 25.00
C PRO A 309 13.08 -69.73 25.07
N VAL A 310 13.23 -70.36 23.91
CA VAL A 310 13.14 -71.81 23.80
C VAL A 310 14.34 -72.37 23.03
N VAL A 311 14.87 -73.51 23.47
CA VAL A 311 16.02 -74.12 22.83
C VAL A 311 15.62 -75.00 21.64
N THR A 312 15.85 -74.51 20.43
CA THR A 312 15.45 -75.22 19.22
C THR A 312 16.56 -76.09 18.63
N GLU A 313 17.79 -75.57 18.62
CA GLU A 313 18.91 -76.31 18.04
C GLU A 313 20.18 -76.14 18.85
N SER A 314 20.62 -77.21 19.51
CA SER A 314 21.81 -77.15 20.35
C SER A 314 22.93 -78.06 19.86
N THR A 315 24.08 -77.47 19.57
CA THR A 315 25.29 -78.22 19.23
C THR A 315 26.37 -77.96 20.28
N ALA A 316 27.39 -78.82 20.27
CA ALA A 316 28.45 -78.80 21.28
C ALA A 316 28.99 -77.41 21.60
N THR A 317 29.06 -76.55 20.59
CA THR A 317 29.58 -75.21 20.79
C THR A 317 28.64 -74.11 20.28
N SER A 318 27.35 -74.43 20.16
CA SER A 318 26.38 -73.42 19.72
C SER A 318 25.00 -73.68 20.30
N ILE A 319 24.24 -72.62 20.54
CA ILE A 319 22.88 -72.76 21.04
C ILE A 319 21.93 -71.76 20.39
N THR A 320 20.98 -72.30 19.64
CA THR A 320 20.00 -71.49 18.92
C THR A 320 18.81 -71.17 19.80
N LEU A 321 18.43 -69.90 19.82
CA LEU A 321 17.33 -69.42 20.64
C LEU A 321 16.22 -68.81 19.80
N THR A 322 14.99 -69.30 20.01
CA THR A 322 13.82 -68.71 19.38
C THR A 322 12.82 -68.24 20.44
N TRP A 323 12.47 -66.97 20.39
CA TRP A 323 11.56 -66.41 21.39
C TRP A 323 10.44 -65.63 20.74
N ASP A 324 9.60 -65.03 21.57
CA ASP A 324 8.61 -64.07 21.11
C ASP A 324 8.98 -62.71 21.68
N SER A 325 8.58 -61.64 21.00
CA SER A 325 8.98 -60.29 21.40
C SER A 325 8.49 -59.94 22.80
N GLY A 326 7.36 -60.52 23.20
CA GLY A 326 6.76 -60.24 24.50
C GLY A 326 6.29 -58.81 24.57
N ASN A 327 5.82 -58.30 23.43
CA ASN A 327 5.46 -56.91 23.29
C ASN A 327 4.27 -56.70 22.37
N PRO A 328 3.47 -55.66 22.63
CA PRO A 328 2.44 -55.24 21.68
C PRO A 328 3.02 -54.35 20.57
N GLU A 329 3.88 -53.41 20.96
CA GLU A 329 4.49 -52.48 20.01
C GLU A 329 5.72 -53.06 19.34
N PRO A 330 6.02 -52.60 18.11
CA PRO A 330 7.20 -53.04 17.35
C PRO A 330 8.50 -52.94 18.15
N VAL A 331 9.20 -54.05 18.25
CA VAL A 331 10.48 -54.10 18.96
C VAL A 331 11.63 -53.91 17.98
N SER A 332 12.37 -52.82 18.17
CA SER A 332 13.41 -52.42 17.21
C SER A 332 14.54 -53.44 17.13
N TYR A 333 14.96 -53.99 18.27
CA TYR A 333 15.91 -55.12 18.28
C TYR A 333 16.04 -55.77 19.65
N TYR A 334 16.77 -56.88 19.69
CA TYR A 334 16.91 -57.69 20.90
C TYR A 334 18.35 -57.89 21.33
N ILE A 335 18.56 -57.99 22.64
CA ILE A 335 19.87 -58.22 23.24
C ILE A 335 19.84 -59.50 24.07
N ILE A 336 20.70 -60.45 23.74
CA ILE A 336 20.72 -61.73 24.45
C ILE A 336 21.75 -61.76 25.59
N GLN A 337 21.32 -62.16 26.78
CA GLN A 337 22.23 -62.30 27.91
C GLN A 337 22.63 -63.76 28.14
N HIS A 338 23.92 -64.00 28.31
CA HIS A 338 24.42 -65.36 28.53
C HIS A 338 25.59 -65.43 29.53
N LYS A 339 25.58 -66.48 30.34
CA LYS A 339 26.64 -66.78 31.30
C LYS A 339 26.49 -68.23 31.82
N PRO A 340 27.58 -68.78 32.39
CA PRO A 340 27.56 -70.09 33.04
C PRO A 340 26.58 -70.16 34.21
N LYS A 341 26.16 -71.37 34.57
CA LYS A 341 25.10 -71.55 35.57
C LYS A 341 25.57 -71.32 37.00
N ASN A 342 26.76 -71.81 37.33
CA ASN A 342 27.32 -71.60 38.67
C ASN A 342 28.09 -70.29 38.76
N SER A 343 28.14 -69.56 37.65
CA SER A 343 28.83 -68.28 37.60
C SER A 343 28.07 -67.22 38.39
N GLU A 344 28.81 -66.36 39.08
CA GLU A 344 28.21 -65.28 39.84
C GLU A 344 28.81 -63.94 39.41
N GLU A 345 28.73 -63.68 38.11
CA GLU A 345 29.28 -62.48 37.50
C GLU A 345 28.24 -61.81 36.59
N PRO A 346 28.45 -60.54 36.22
CA PRO A 346 27.52 -59.88 35.28
C PRO A 346 27.37 -60.63 33.97
N TYR A 347 26.13 -60.70 33.48
CA TYR A 347 25.81 -61.43 32.25
C TYR A 347 26.60 -60.89 31.05
N LYS A 348 27.11 -61.78 30.22
CA LYS A 348 27.74 -61.38 28.95
C LYS A 348 26.67 -61.08 27.91
N GLU A 349 26.73 -59.93 27.25
CA GLU A 349 25.66 -59.55 26.33
C GLU A 349 26.05 -59.60 24.85
N ILE A 350 25.14 -60.16 24.04
CA ILE A 350 25.21 -60.11 22.59
C ILE A 350 24.16 -59.13 22.09
N ASP A 351 24.58 -58.14 21.30
CA ASP A 351 23.69 -57.05 20.91
C ASP A 351 23.25 -57.12 19.45
N GLY A 352 22.18 -56.41 19.13
CA GLY A 352 21.78 -56.17 17.76
C GLY A 352 21.14 -57.32 17.02
N ILE A 353 20.47 -58.21 17.75
CA ILE A 353 19.76 -59.31 17.12
C ILE A 353 18.37 -58.84 16.68
N ALA A 354 18.28 -58.46 15.41
CA ALA A 354 17.07 -57.81 14.88
C ALA A 354 15.90 -58.76 14.70
N THR A 355 16.14 -60.06 14.87
CA THR A 355 15.08 -61.05 14.77
C THR A 355 14.86 -61.76 16.11
N THR A 356 13.81 -62.58 16.18
CA THR A 356 13.51 -63.31 17.41
C THR A 356 14.17 -64.69 17.40
N ARG A 357 15.22 -64.85 16.60
CA ARG A 357 16.00 -66.08 16.58
C ARG A 357 17.49 -65.78 16.46
N TYR A 358 18.32 -66.48 17.22
CA TYR A 358 19.77 -66.26 17.18
C TYR A 358 20.60 -67.41 17.75
N SER A 359 21.65 -67.77 17.03
CA SER A 359 22.54 -68.85 17.47
C SER A 359 23.77 -68.34 18.20
N VAL A 360 23.72 -68.42 19.53
CA VAL A 360 24.87 -68.07 20.37
C VAL A 360 26.00 -69.07 20.19
N ALA A 361 27.08 -68.63 19.56
CA ALA A 361 28.20 -69.52 19.23
C ALA A 361 29.44 -69.20 20.05
N GLY A 362 30.23 -70.24 20.34
CA GLY A 362 31.49 -70.09 21.04
C GLY A 362 31.52 -70.79 22.39
N LEU A 363 30.47 -71.54 22.69
CA LEU A 363 30.31 -72.16 24.00
C LEU A 363 31.19 -73.41 24.19
N SER A 364 31.56 -73.67 25.44
CA SER A 364 32.35 -74.85 25.79
C SER A 364 31.53 -76.13 25.66
N PRO A 365 32.18 -77.25 25.30
CA PRO A 365 31.51 -78.53 25.20
C PRO A 365 31.06 -79.05 26.57
N TYR A 366 29.89 -79.68 26.62
CA TYR A 366 29.41 -80.32 27.83
C TYR A 366 29.28 -79.31 28.97
N SER A 367 28.92 -78.07 28.62
CA SER A 367 28.83 -76.99 29.60
C SER A 367 27.41 -76.42 29.68
N ASP A 368 26.89 -76.30 30.90
CA ASP A 368 25.58 -75.71 31.11
C ASP A 368 25.62 -74.20 30.95
N TYR A 369 24.48 -73.61 30.62
CA TYR A 369 24.36 -72.17 30.49
C TYR A 369 22.95 -71.68 30.85
N GLU A 370 22.87 -70.40 31.23
CA GLU A 370 21.60 -69.74 31.53
C GLU A 370 21.38 -68.51 30.63
N PHE A 371 20.26 -68.47 29.91
CA PHE A 371 20.03 -67.42 28.90
C PHE A 371 18.85 -66.48 29.21
N ARG A 372 18.97 -65.21 28.78
CA ARG A 372 17.91 -64.22 28.94
C ARG A 372 17.71 -63.35 27.69
N VAL A 373 16.52 -62.75 27.55
CA VAL A 373 16.21 -61.90 26.40
C VAL A 373 15.76 -60.49 26.79
N VAL A 374 16.48 -59.50 26.28
CA VAL A 374 16.22 -58.09 26.59
C VAL A 374 15.73 -57.32 25.36
N ALA A 375 14.57 -56.68 25.47
CA ALA A 375 13.98 -56.00 24.32
C ALA A 375 14.35 -54.51 24.25
N VAL A 376 14.50 -53.98 23.04
CA VAL A 376 14.80 -52.56 22.86
C VAL A 376 14.02 -51.95 21.68
N ASN A 377 13.39 -50.81 21.92
CA ASN A 377 12.85 -49.98 20.83
C ASN A 377 13.50 -48.60 20.82
N ASN A 378 12.73 -47.59 20.42
CA ASN A 378 13.25 -46.22 20.36
C ASN A 378 13.32 -45.58 21.73
N ILE A 379 12.41 -45.96 22.62
CA ILE A 379 12.27 -45.31 23.92
C ILE A 379 13.33 -45.72 24.92
N GLY A 380 13.51 -47.02 25.08
CA GLY A 380 14.44 -47.53 26.06
C GLY A 380 14.54 -49.03 26.05
N ARG A 381 15.37 -49.54 26.96
CA ARG A 381 15.67 -50.96 27.06
C ARG A 381 14.71 -51.65 28.01
N GLY A 382 13.85 -52.51 27.46
CA GLY A 382 12.89 -53.24 28.28
C GLY A 382 13.57 -54.22 29.22
N PRO A 383 12.85 -54.68 30.25
CA PRO A 383 13.42 -55.65 31.19
C PRO A 383 13.69 -57.00 30.51
N ALA A 384 14.59 -57.78 31.09
CA ALA A 384 14.96 -59.07 30.52
C ALA A 384 13.82 -60.08 30.58
N SER A 385 14.08 -61.29 30.11
CA SER A 385 13.09 -62.36 30.16
C SER A 385 13.43 -63.35 31.25
N GLU A 386 12.44 -64.14 31.65
CA GLU A 386 12.65 -65.25 32.57
C GLU A 386 13.64 -66.21 31.93
N PRO A 387 14.69 -66.59 32.66
CA PRO A 387 15.83 -67.29 32.04
C PRO A 387 15.53 -68.72 31.59
N VAL A 388 16.26 -69.20 30.60
CA VAL A 388 16.16 -70.60 30.21
C VAL A 388 17.47 -71.31 30.54
N LEU A 389 17.35 -72.47 31.18
CA LEU A 389 18.51 -73.29 31.56
C LEU A 389 18.73 -74.37 30.53
N THR A 390 19.97 -74.55 30.06
CA THR A 390 20.22 -75.69 29.18
C THR A 390 21.68 -76.10 29.10
N GLN A 391 21.96 -77.07 28.24
CA GLN A 391 23.30 -77.61 28.08
C GLN A 391 23.67 -77.75 26.61
N CYS B 29 19.08 12.43 -25.11
CA CYS B 29 17.73 11.87 -25.17
C CYS B 29 17.65 10.58 -25.99
N LYS B 30 17.69 10.72 -27.32
CA LYS B 30 17.19 9.65 -28.20
C LYS B 30 17.95 8.33 -28.22
N ILE B 31 19.25 8.34 -27.93
CA ILE B 31 20.08 7.16 -28.22
C ILE B 31 19.86 5.96 -27.31
N ARG B 32 19.87 6.17 -25.99
CA ARG B 32 19.66 5.09 -25.03
C ARG B 32 18.37 5.32 -24.26
N CYS B 33 17.42 6.01 -24.88
CA CYS B 33 16.24 6.49 -24.19
C CYS B 33 15.19 6.96 -25.20
N LEU B 34 13.92 6.97 -24.83
CA LEU B 34 12.89 7.36 -25.80
C LEU B 34 12.15 8.61 -25.36
N CYS B 35 12.14 9.63 -26.21
CA CYS B 35 11.52 10.89 -25.81
C CYS B 35 10.28 11.21 -26.64
N GLU B 36 9.16 11.41 -25.95
CA GLU B 36 7.91 11.83 -26.58
C GLU B 36 7.62 13.29 -26.26
N GLU B 37 7.56 14.10 -27.31
CA GLU B 37 7.16 15.50 -27.17
C GLU B 37 5.69 15.56 -26.79
N LYS B 38 5.41 15.70 -25.50
CA LYS B 38 4.01 15.81 -25.08
C LYS B 38 3.48 17.19 -25.39
N GLU B 39 2.16 17.33 -25.38
CA GLU B 39 1.48 18.57 -25.74
C GLU B 39 2.00 19.81 -24.99
N ASN B 40 2.33 19.65 -23.72
CA ASN B 40 2.81 20.78 -22.93
C ASN B 40 4.31 20.74 -22.66
N VAL B 41 4.77 19.67 -22.01
CA VAL B 41 6.17 19.51 -21.67
C VAL B 41 6.80 18.37 -22.47
N LEU B 42 8.04 18.04 -22.12
CA LEU B 42 8.74 16.97 -22.78
C LEU B 42 8.81 15.72 -21.90
N ASN B 43 8.42 14.58 -22.47
CA ASN B 43 8.45 13.31 -21.73
C ASN B 43 9.68 12.48 -22.08
N ILE B 44 10.57 12.27 -21.12
CA ILE B 44 11.77 11.47 -21.34
C ILE B 44 11.66 10.12 -20.64
N ASN B 45 11.60 9.06 -21.45
CA ASN B 45 11.37 7.70 -20.98
C ASN B 45 12.65 6.87 -21.06
N CYS B 46 13.38 6.84 -19.94
CA CYS B 46 14.59 6.02 -19.82
C CYS B 46 14.28 4.80 -18.95
N GLU B 47 13.02 4.40 -18.99
CA GLU B 47 12.51 3.27 -18.22
C GLU B 47 13.19 1.95 -18.62
N ASN B 48 13.53 1.15 -17.62
CA ASN B 48 13.89 -0.24 -17.82
C ASN B 48 15.08 -0.49 -18.73
N LYS B 49 16.00 0.47 -18.79
CA LYS B 49 17.15 0.34 -19.68
C LYS B 49 18.37 -0.19 -18.96
N GLY B 50 18.20 -0.58 -17.71
CA GLY B 50 19.27 -1.18 -16.95
C GLY B 50 20.44 -0.26 -16.68
N PHE B 51 20.17 1.03 -16.51
CA PHE B 51 21.21 1.99 -16.13
C PHE B 51 21.53 1.84 -14.65
N THR B 52 22.80 1.83 -14.29
CA THR B 52 23.21 1.73 -12.90
C THR B 52 23.58 3.12 -12.40
N THR B 53 23.60 4.08 -13.32
CA THR B 53 24.06 5.42 -13.00
C THR B 53 23.42 6.46 -13.92
N VAL B 54 23.35 7.69 -13.47
CA VAL B 54 22.77 8.77 -14.26
C VAL B 54 23.88 9.60 -14.90
N SER B 55 25.10 9.10 -14.82
CA SER B 55 26.26 9.81 -15.35
C SER B 55 26.22 9.90 -16.87
N LEU B 56 25.65 8.88 -17.50
CA LEU B 56 25.75 8.73 -18.96
C LEU B 56 24.98 9.79 -19.73
N LEU B 57 23.73 10.04 -19.36
CA LEU B 57 22.86 10.86 -20.19
C LEU B 57 22.81 12.34 -19.80
N GLN B 58 22.92 13.19 -20.82
CA GLN B 58 22.81 14.63 -20.65
C GLN B 58 21.35 15.06 -20.80
N PRO B 59 20.73 15.49 -19.70
CA PRO B 59 19.37 16.02 -19.78
C PRO B 59 19.36 17.34 -20.53
N PRO B 60 18.19 17.78 -21.01
CA PRO B 60 18.12 19.15 -21.53
C PRO B 60 18.24 20.13 -20.36
N GLN B 61 18.80 21.32 -20.61
CA GLN B 61 19.15 22.22 -19.54
C GLN B 61 18.16 23.39 -19.38
N TYR B 62 17.60 23.85 -20.49
CA TYR B 62 16.65 24.95 -20.40
C TYR B 62 15.20 24.53 -20.68
N ARG B 63 14.98 23.32 -21.18
CA ARG B 63 13.60 22.92 -21.39
C ARG B 63 13.04 22.12 -20.21
N ILE B 64 11.78 22.39 -19.89
CA ILE B 64 11.09 21.70 -18.82
C ILE B 64 10.72 20.29 -19.27
N TYR B 65 10.80 19.32 -18.36
CA TYR B 65 10.58 17.92 -18.75
C TYR B 65 10.23 16.98 -17.58
N GLN B 66 9.89 15.74 -17.94
CA GLN B 66 9.67 14.67 -16.97
C GLN B 66 10.61 13.50 -17.27
N LEU B 67 11.07 12.81 -16.24
CA LEU B 67 12.05 11.74 -16.43
C LEU B 67 11.62 10.41 -15.80
N PHE B 68 11.41 9.40 -16.63
CA PHE B 68 11.02 8.07 -16.17
C PHE B 68 12.25 7.18 -16.08
N LEU B 69 12.59 6.73 -14.87
CA LEU B 69 13.79 5.92 -14.67
C LEU B 69 13.50 4.61 -13.96
N ASN B 70 12.27 4.12 -14.08
CA ASN B 70 11.88 2.84 -13.50
C ASN B 70 12.71 1.68 -14.05
N GLY B 71 12.75 0.57 -13.31
CA GLY B 71 13.37 -0.65 -13.79
C GLY B 71 14.85 -0.59 -14.12
N ASN B 72 15.56 0.33 -13.47
CA ASN B 72 17.01 0.45 -13.63
C ASN B 72 17.75 0.09 -12.35
N LEU B 73 18.65 -0.88 -12.44
CA LEU B 73 19.37 -1.38 -11.26
C LEU B 73 20.43 -0.43 -10.73
N LEU B 74 20.06 0.43 -9.78
CA LEU B 74 21.07 1.13 -8.99
C LEU B 74 20.87 0.83 -7.51
N THR B 75 21.91 0.28 -6.89
CA THR B 75 21.86 -0.05 -5.48
C THR B 75 21.68 1.21 -4.65
N ARG B 76 22.47 2.24 -4.96
CA ARG B 76 22.46 3.45 -4.15
C ARG B 76 22.41 4.71 -5.01
N LEU B 77 22.11 5.83 -4.35
CA LEU B 77 22.21 7.14 -4.95
C LEU B 77 23.33 7.90 -4.24
N TYR B 78 24.20 8.54 -5.01
CA TYR B 78 25.41 9.12 -4.45
C TYR B 78 25.24 10.62 -4.25
N PRO B 79 25.98 11.21 -3.30
CA PRO B 79 25.80 12.63 -3.00
C PRO B 79 26.03 13.50 -4.22
N ASN B 80 25.07 14.38 -4.50
CA ASN B 80 25.14 15.30 -5.63
C ASN B 80 25.17 14.58 -6.97
N GLU B 81 24.62 13.37 -7.01
CA GLU B 81 24.49 12.60 -8.26
C GLU B 81 23.62 13.34 -9.26
N PHE B 82 22.56 13.96 -8.76
CA PHE B 82 21.68 14.78 -9.57
C PHE B 82 22.03 16.25 -9.36
N VAL B 83 22.41 16.94 -10.43
CA VAL B 83 22.84 18.32 -10.28
C VAL B 83 22.45 19.17 -11.49
N ASN B 84 22.31 18.53 -12.65
CA ASN B 84 22.07 19.25 -13.89
C ASN B 84 20.64 19.16 -14.33
N TYR B 85 19.78 18.78 -13.40
CA TYR B 85 18.36 18.68 -13.66
C TYR B 85 17.65 19.82 -12.97
N SER B 86 18.15 21.02 -13.20
CA SER B 86 17.57 22.24 -12.66
C SER B 86 16.06 22.25 -12.84
N ASN B 87 15.64 22.02 -14.07
CA ASN B 87 14.23 22.07 -14.42
C ASN B 87 13.65 20.71 -14.78
N ALA B 88 13.37 19.91 -13.77
CA ALA B 88 12.66 18.65 -13.97
C ALA B 88 11.40 18.65 -13.11
N VAL B 89 10.25 18.50 -13.73
CA VAL B 89 8.99 18.57 -12.99
C VAL B 89 8.72 17.31 -12.18
N THR B 90 8.80 16.16 -12.86
CA THR B 90 8.58 14.89 -12.18
C THR B 90 9.72 13.89 -12.44
N LEU B 91 9.97 13.03 -11.45
CA LEU B 91 10.99 12.00 -11.57
C LEU B 91 10.52 10.69 -10.95
N HIS B 92 10.56 9.62 -11.74
CA HIS B 92 10.17 8.29 -11.28
C HIS B 92 11.39 7.40 -11.00
N LEU B 93 11.44 6.82 -9.79
CA LEU B 93 12.53 5.94 -9.42
C LEU B 93 12.05 4.60 -8.86
N GLY B 94 10.97 4.07 -9.43
CA GLY B 94 10.40 2.83 -8.95
C GLY B 94 11.09 1.59 -9.48
N ASN B 95 11.03 0.50 -8.73
CA ASN B 95 11.58 -0.79 -9.15
C ASN B 95 13.06 -0.72 -9.46
N ASN B 96 13.78 0.06 -8.64
CA ASN B 96 15.20 0.29 -8.84
C ASN B 96 16.05 -0.46 -7.82
N GLY B 97 15.39 -1.07 -6.85
CA GLY B 97 16.09 -1.74 -5.77
C GLY B 97 16.95 -0.80 -4.96
N LEU B 98 16.51 0.46 -4.86
CA LEU B 98 17.25 1.46 -4.09
C LEU B 98 17.44 1.00 -2.66
N GLN B 99 18.63 1.23 -2.11
CA GLN B 99 18.92 0.77 -0.76
C GLN B 99 19.21 1.94 0.16
N GLU B 100 19.91 2.94 -0.35
CA GLU B 100 20.18 4.14 0.44
C GLU B 100 20.24 5.39 -0.41
N ILE B 101 20.04 6.52 0.25
CA ILE B 101 20.25 7.83 -0.33
C ILE B 101 21.28 8.54 0.51
N ARG B 102 22.53 8.55 0.06
CA ARG B 102 23.60 9.21 0.78
C ARG B 102 23.26 10.69 0.94
N PRO B 103 23.65 11.28 2.08
CA PRO B 103 23.25 12.64 2.49
C PRO B 103 23.25 13.66 1.36
N GLY B 104 22.07 14.21 1.07
CA GLY B 104 21.92 15.26 0.08
C GLY B 104 22.22 14.81 -1.34
N ALA B 105 21.54 13.75 -1.78
CA ALA B 105 21.76 13.24 -3.13
C ALA B 105 21.11 14.14 -4.18
N PHE B 106 19.86 14.49 -3.96
CA PHE B 106 19.12 15.34 -4.89
C PHE B 106 19.57 16.79 -4.80
N SER B 107 20.87 17.03 -4.95
CA SER B 107 21.42 18.37 -4.73
C SER B 107 20.92 19.41 -5.73
N GLY B 108 20.80 19.03 -6.99
CA GLY B 108 20.50 19.98 -8.04
C GLY B 108 19.05 20.11 -8.48
N LEU B 109 18.19 19.20 -8.00
CA LEU B 109 16.78 19.19 -8.41
C LEU B 109 16.04 20.41 -7.86
N LYS B 110 16.36 21.59 -8.39
CA LYS B 110 15.84 22.84 -7.88
C LYS B 110 14.33 22.94 -8.00
N THR B 111 13.81 22.60 -9.18
CA THR B 111 12.40 22.84 -9.49
C THR B 111 11.58 21.56 -9.57
N LEU B 112 11.96 20.54 -8.80
CA LEU B 112 11.22 19.29 -8.81
C LEU B 112 9.95 19.40 -7.98
N LYS B 113 8.86 18.86 -8.51
CA LYS B 113 7.56 18.97 -7.87
C LYS B 113 7.04 17.60 -7.44
N ARG B 114 7.18 16.62 -8.31
CA ARG B 114 6.67 15.27 -8.04
C ARG B 114 7.78 14.22 -8.06
N LEU B 115 7.82 13.39 -7.03
CA LEU B 115 8.85 12.36 -6.93
C LEU B 115 8.28 11.01 -6.48
N HIS B 116 8.73 9.94 -7.14
CA HIS B 116 8.35 8.60 -6.79
C HIS B 116 9.56 7.79 -6.35
N LEU B 117 9.37 6.96 -5.34
CA LEU B 117 10.45 6.14 -4.79
C LEU B 117 9.93 4.73 -4.50
N ASN B 118 8.86 4.36 -5.20
CA ASN B 118 8.12 3.14 -4.91
C ASN B 118 8.88 1.84 -5.18
N ASN B 119 8.46 0.79 -4.48
CA ASN B 119 8.94 -0.57 -4.73
C ASN B 119 10.46 -0.72 -4.71
N ASN B 120 11.11 -0.17 -3.68
CA ASN B 120 12.55 -0.33 -3.54
C ASN B 120 12.88 -0.95 -2.18
N LYS B 121 14.09 -0.71 -1.67
CA LYS B 121 14.51 -1.33 -0.42
C LYS B 121 15.03 -0.30 0.60
N LEU B 122 14.21 0.71 0.89
CA LEU B 122 14.60 1.77 1.82
C LEU B 122 14.09 1.52 3.24
N GLU B 123 14.97 1.55 4.23
CA GLU B 123 14.52 1.30 5.60
C GLU B 123 14.44 2.57 6.44
N VAL B 124 15.29 3.54 6.15
CA VAL B 124 15.34 4.76 6.96
C VAL B 124 15.24 6.03 6.11
N LEU B 125 14.46 6.99 6.58
CA LEU B 125 14.41 8.32 5.97
C LEU B 125 15.19 9.31 6.82
N ARG B 126 16.49 9.46 6.52
CA ARG B 126 17.34 10.42 7.22
C ARG B 126 16.80 11.84 7.08
N GLU B 127 17.08 12.68 8.07
CA GLU B 127 16.51 14.02 8.11
C GLU B 127 17.05 14.90 7.00
N ASP B 128 18.24 14.56 6.51
CA ASP B 128 18.90 15.38 5.50
C ASP B 128 18.86 14.72 4.12
N THR B 129 18.04 13.67 4.01
CA THR B 129 17.94 12.92 2.75
C THR B 129 17.42 13.78 1.60
N PHE B 130 16.32 14.47 1.84
CA PHE B 130 15.75 15.35 0.82
C PHE B 130 16.31 16.76 0.94
N LEU B 131 17.61 16.90 0.71
CA LEU B 131 18.28 18.17 0.93
C LEU B 131 17.92 19.21 -0.12
N GLY B 132 17.87 18.79 -1.38
CA GLY B 132 17.81 19.73 -2.49
C GLY B 132 16.51 20.49 -2.73
N LEU B 133 15.39 19.88 -2.40
CA LEU B 133 14.11 20.40 -2.87
C LEU B 133 13.55 21.55 -2.02
N GLU B 134 13.02 22.56 -2.70
CA GLU B 134 12.24 23.60 -2.03
C GLU B 134 10.86 23.63 -2.66
N SER B 135 10.75 23.01 -3.83
CA SER B 135 9.57 23.18 -4.68
C SER B 135 8.66 21.96 -4.73
N LEU B 136 9.06 20.86 -4.10
CA LEU B 136 8.33 19.60 -4.22
C LEU B 136 7.00 19.57 -3.44
N GLU B 137 5.94 19.12 -4.10
CA GLU B 137 4.63 19.02 -3.44
C GLU B 137 4.04 17.62 -3.51
N TYR B 138 4.83 16.66 -3.99
CA TYR B 138 4.38 15.29 -4.13
C TYR B 138 5.50 14.32 -3.82
N LEU B 139 5.21 13.31 -3.02
CA LEU B 139 6.22 12.32 -2.65
C LEU B 139 5.62 10.94 -2.45
N GLN B 140 6.00 10.01 -3.31
CA GLN B 140 5.50 8.64 -3.25
C GLN B 140 6.64 7.68 -2.89
N ALA B 141 6.45 6.94 -1.81
CA ALA B 141 7.50 6.06 -1.32
C ALA B 141 6.96 4.71 -0.86
N ASP B 142 5.96 4.21 -1.56
CA ASP B 142 5.28 2.98 -1.17
C ASP B 142 6.12 1.71 -1.37
N TYR B 143 5.81 0.69 -0.57
CA TYR B 143 6.35 -0.66 -0.70
C TYR B 143 7.84 -0.77 -0.36
N ASN B 144 8.37 0.18 0.40
CA ASN B 144 9.82 0.34 0.47
C ASN B 144 10.57 -0.27 1.65
N TYR B 145 9.87 -0.86 2.61
CA TYR B 145 10.44 -1.44 3.85
C TYR B 145 10.91 -0.40 4.88
N ILE B 146 10.30 0.77 4.91
CA ILE B 146 10.73 1.81 5.86
C ILE B 146 10.26 1.52 7.29
N SER B 147 11.21 1.24 8.17
CA SER B 147 10.88 0.89 9.55
C SER B 147 10.83 2.11 10.46
N THR B 148 11.75 3.04 10.27
CA THR B 148 11.84 4.22 11.12
C THR B 148 12.16 5.48 10.34
N ILE B 149 11.19 6.37 10.24
CA ILE B 149 11.45 7.72 9.73
C ILE B 149 12.07 8.52 10.86
N GLU B 150 12.92 9.49 10.53
CA GLU B 150 13.43 10.43 11.52
C GLU B 150 12.57 11.69 11.51
N ALA B 151 12.57 12.42 12.62
CA ALA B 151 11.65 13.53 12.82
C ALA B 151 11.79 14.63 11.77
N GLY B 152 13.00 15.17 11.64
CA GLY B 152 13.24 16.30 10.77
C GLY B 152 13.35 15.99 9.28
N ALA B 153 12.90 14.79 8.90
CA ALA B 153 13.02 14.32 7.52
C ALA B 153 12.31 15.23 6.52
N PHE B 154 11.06 15.55 6.80
CA PHE B 154 10.24 16.31 5.86
C PHE B 154 10.27 17.80 6.14
N SER B 155 11.12 18.20 7.08
CA SER B 155 11.35 19.62 7.33
C SER B 155 12.00 20.22 6.10
N LYS B 156 11.82 21.53 5.91
CA LYS B 156 12.38 22.25 4.77
C LYS B 156 11.78 21.78 3.43
N LEU B 157 10.59 21.20 3.49
CA LEU B 157 9.85 20.84 2.29
C LEU B 157 8.46 21.48 2.35
N ASN B 158 8.42 22.79 2.53
CA ASN B 158 7.18 23.53 2.73
C ASN B 158 6.08 23.22 1.71
N LYS B 159 6.47 23.13 0.45
CA LYS B 159 5.50 22.99 -0.62
C LYS B 159 4.82 21.62 -0.64
N LEU B 160 5.38 20.65 0.08
CA LEU B 160 4.84 19.29 0.07
C LEU B 160 3.39 19.22 0.53
N LYS B 161 2.54 18.63 -0.29
CA LYS B 161 1.13 18.51 0.03
C LYS B 161 0.67 17.06 -0.02
N VAL B 162 1.46 16.19 -0.64
CA VAL B 162 1.09 14.78 -0.75
C VAL B 162 2.22 13.88 -0.26
N LEU B 163 1.87 12.99 0.67
CA LEU B 163 2.84 12.05 1.22
C LEU B 163 2.25 10.64 1.19
N ILE B 164 2.89 9.75 0.42
CA ILE B 164 2.41 8.39 0.26
C ILE B 164 3.43 7.37 0.74
N LEU B 165 3.08 6.61 1.77
CA LEU B 165 4.03 5.71 2.44
C LEU B 165 3.45 4.33 2.71
N ASN B 166 2.45 3.93 1.94
CA ASN B 166 1.73 2.70 2.25
C ASN B 166 2.57 1.44 2.03
N ASP B 167 2.14 0.35 2.66
CA ASP B 167 2.75 -0.96 2.52
C ASP B 167 4.24 -0.97 2.90
N ASN B 168 4.55 -0.33 4.02
CA ASN B 168 5.91 -0.32 4.55
C ASN B 168 5.97 -0.96 5.94
N LEU B 169 6.95 -0.53 6.73
CA LEU B 169 7.23 -1.16 8.01
C LEU B 169 7.09 -0.19 9.18
N LEU B 170 6.28 0.84 9.00
CA LEU B 170 6.13 1.88 10.02
C LEU B 170 5.44 1.37 11.27
N LEU B 171 6.21 1.23 12.34
CA LEU B 171 5.64 0.85 13.63
C LEU B 171 5.13 2.09 14.36
N SER B 172 5.94 3.14 14.30
CA SER B 172 5.65 4.38 15.01
C SER B 172 6.24 5.56 14.25
N LEU B 173 5.63 6.72 14.45
CA LEU B 173 5.98 7.92 13.71
C LEU B 173 6.52 9.00 14.65
N PRO B 174 7.81 9.35 14.51
CA PRO B 174 8.47 10.35 15.35
C PRO B 174 7.68 11.65 15.43
N SER B 175 7.43 12.15 16.63
CA SER B 175 6.60 13.33 16.81
C SER B 175 7.21 14.56 16.15
N ASN B 176 6.34 15.48 15.75
CA ASN B 176 6.71 16.71 15.05
C ASN B 176 7.35 16.45 13.69
N VAL B 177 7.00 15.34 13.05
CA VAL B 177 7.42 15.11 11.68
C VAL B 177 6.68 16.08 10.77
N PHE B 178 5.39 16.23 11.02
CA PHE B 178 4.50 16.99 10.15
C PHE B 178 4.27 18.41 10.64
N ARG B 179 5.07 18.87 11.60
CA ARG B 179 4.80 20.15 12.22
C ARG B 179 5.11 21.32 11.31
N PHE B 180 6.01 21.11 10.34
CA PHE B 180 6.48 22.20 9.49
C PHE B 180 5.81 22.22 8.12
N VAL B 181 5.11 21.15 7.78
CA VAL B 181 4.32 21.12 6.56
C VAL B 181 2.83 21.06 6.88
N LEU B 182 2.00 21.40 5.90
CA LEU B 182 0.58 21.13 6.01
C LEU B 182 0.10 20.42 4.76
N LEU B 183 0.35 19.12 4.71
CA LEU B 183 -0.08 18.31 3.58
C LEU B 183 -1.60 18.12 3.61
N THR B 184 -2.16 17.67 2.50
CA THR B 184 -3.60 17.49 2.38
C THR B 184 -3.95 16.02 2.15
N HIS B 185 -3.00 15.27 1.62
CA HIS B 185 -3.18 13.84 1.43
C HIS B 185 -2.05 13.06 2.08
N LEU B 186 -2.42 12.15 2.98
CA LEU B 186 -1.45 11.28 3.62
C LEU B 186 -1.93 9.84 3.57
N ASP B 187 -1.13 8.97 2.96
CA ASP B 187 -1.48 7.56 2.86
C ASP B 187 -0.55 6.74 3.74
N LEU B 188 -1.13 6.11 4.77
CA LEU B 188 -0.35 5.29 5.69
C LEU B 188 -0.88 3.85 5.74
N ARG B 189 -1.67 3.48 4.74
CA ARG B 189 -2.22 2.13 4.65
C ARG B 189 -1.14 1.05 4.68
N GLY B 190 -1.54 -0.19 4.95
CA GLY B 190 -0.64 -1.33 4.86
C GLY B 190 0.63 -1.28 5.67
N ASN B 191 0.73 -0.34 6.60
CA ASN B 191 1.91 -0.28 7.47
C ASN B 191 1.72 -1.11 8.72
N ARG B 192 2.64 -0.96 9.68
CA ARG B 192 2.60 -1.76 10.88
C ARG B 192 2.27 -0.91 12.10
N LEU B 193 1.24 -0.09 11.97
CA LEU B 193 0.84 0.83 13.03
C LEU B 193 -0.24 0.24 13.92
N LYS B 194 -0.04 0.33 15.23
CA LYS B 194 -1.03 -0.17 16.18
C LYS B 194 -1.71 0.97 16.92
N VAL B 195 -0.98 2.07 17.12
CA VAL B 195 -1.49 3.23 17.85
C VAL B 195 -0.97 4.52 17.19
N MET B 196 -1.71 5.61 17.33
CA MET B 196 -1.29 6.90 16.81
C MET B 196 -1.67 8.05 17.76
N PRO B 197 -0.68 8.67 18.40
CA PRO B 197 -0.86 9.65 19.48
C PRO B 197 -1.25 11.05 18.99
N PHE B 198 -2.00 11.80 19.80
CA PHE B 198 -2.38 13.15 19.42
C PHE B 198 -1.22 14.13 19.57
N ALA B 199 -0.52 14.02 20.69
CA ALA B 199 0.56 14.94 21.01
C ALA B 199 1.74 14.79 20.05
N GLY B 200 1.89 15.77 19.17
CA GLY B 200 2.96 15.74 18.20
C GLY B 200 2.44 15.32 16.86
N VAL B 201 2.35 14.01 16.65
CA VAL B 201 2.00 13.50 15.34
C VAL B 201 0.67 14.07 14.82
N LEU B 202 -0.35 14.08 15.66
CA LEU B 202 -1.71 14.34 15.21
C LEU B 202 -2.12 15.80 15.15
N GLU B 203 -1.62 16.62 16.08
CA GLU B 203 -2.07 18.01 16.20
C GLU B 203 -1.74 18.82 14.95
N HIS B 204 -0.77 18.34 14.19
CA HIS B 204 -0.36 18.98 12.94
C HIS B 204 -1.28 18.58 11.79
N ILE B 205 -1.72 17.33 11.82
CA ILE B 205 -2.74 16.84 10.92
C ILE B 205 -4.07 17.46 11.33
N GLY B 206 -5.09 17.35 10.48
CA GLY B 206 -6.37 17.96 10.78
C GLY B 206 -6.68 18.93 9.67
N GLY B 207 -5.62 19.44 9.05
CA GLY B 207 -5.75 20.29 7.88
C GLY B 207 -5.82 19.45 6.61
N ILE B 208 -5.67 18.14 6.78
CA ILE B 208 -5.77 17.21 5.66
C ILE B 208 -7.17 17.08 5.10
N MET B 209 -7.27 16.80 3.81
CA MET B 209 -8.55 16.50 3.20
C MET B 209 -8.77 14.99 3.20
N GLU B 210 -7.71 14.26 2.85
CA GLU B 210 -7.79 12.80 2.81
C GLU B 210 -6.68 12.16 3.65
N ILE B 211 -7.02 11.06 4.32
CA ILE B 211 -6.04 10.26 5.03
C ILE B 211 -6.45 8.80 4.97
N GLN B 212 -5.47 7.91 4.86
CA GLN B 212 -5.77 6.50 4.71
C GLN B 212 -4.99 5.65 5.71
N LEU B 213 -5.73 4.86 6.48
CA LEU B 213 -5.15 4.03 7.54
C LEU B 213 -5.65 2.59 7.46
N GLU B 214 -6.08 2.20 6.26
CA GLU B 214 -6.89 1.00 6.03
C GLU B 214 -6.34 -0.34 6.51
N GLU B 215 -5.13 -0.70 6.09
CA GLU B 215 -4.62 -2.03 6.41
C GLU B 215 -3.52 -2.02 7.46
N ASN B 216 -3.87 -1.60 8.67
CA ASN B 216 -2.92 -1.51 9.78
C ASN B 216 -3.33 -2.36 10.97
N PRO B 217 -2.35 -2.84 11.75
CA PRO B 217 -2.58 -3.68 12.93
C PRO B 217 -3.07 -2.89 14.14
N TRP B 218 -4.24 -2.28 14.01
CA TRP B 218 -4.77 -1.43 15.07
C TRP B 218 -5.14 -2.23 16.32
N ASN B 219 -4.59 -1.81 17.45
CA ASN B 219 -4.86 -2.41 18.74
C ASN B 219 -5.86 -1.55 19.49
N CYS B 220 -7.12 -1.96 19.47
CA CYS B 220 -8.21 -1.15 20.01
C CYS B 220 -8.35 -1.29 21.52
N THR B 221 -7.56 -0.51 22.24
CA THR B 221 -7.70 -0.38 23.69
C THR B 221 -7.90 1.10 24.02
N CYS B 222 -8.10 1.42 25.30
CA CYS B 222 -8.24 2.82 25.74
C CYS B 222 -7.06 3.66 25.25
N ASP B 223 -5.91 3.01 25.14
CA ASP B 223 -4.69 3.63 24.65
C ASP B 223 -4.80 4.04 23.17
N LEU B 224 -5.87 3.59 22.50
CA LEU B 224 -6.16 3.99 21.12
C LEU B 224 -7.26 5.05 21.04
N LEU B 225 -7.69 5.56 22.19
CA LEU B 225 -8.75 6.57 22.20
C LEU B 225 -8.46 7.90 21.48
N PRO B 226 -7.25 8.50 21.66
CA PRO B 226 -7.04 9.82 21.07
C PRO B 226 -7.39 9.87 19.58
N LEU B 227 -6.79 8.95 18.83
CA LEU B 227 -7.07 8.75 17.42
C LEU B 227 -8.57 8.76 17.15
N LYS B 228 -9.28 7.85 17.81
CA LYS B 228 -10.73 7.79 17.74
C LYS B 228 -11.36 9.16 17.90
N ALA B 229 -11.02 9.86 18.98
CA ALA B 229 -11.57 11.18 19.25
C ALA B 229 -11.23 12.12 18.11
N TRP B 230 -9.97 12.08 17.67
CA TRP B 230 -9.50 12.96 16.62
C TRP B 230 -10.27 12.72 15.32
N LEU B 231 -10.85 11.53 15.20
CA LEU B 231 -11.56 11.18 13.98
C LEU B 231 -12.95 11.82 13.91
N ASP B 232 -13.45 12.29 15.05
CA ASP B 232 -14.71 13.00 15.06
C ASP B 232 -14.47 14.47 14.72
N THR B 233 -13.41 15.02 15.32
CA THR B 233 -13.05 16.42 15.12
C THR B 233 -12.63 16.69 13.67
N ILE B 234 -11.92 15.73 13.08
CA ILE B 234 -11.51 15.85 11.67
C ILE B 234 -12.74 15.80 10.78
N THR B 235 -12.69 16.55 9.69
CA THR B 235 -13.77 16.58 8.72
C THR B 235 -13.27 16.04 7.39
N VAL B 236 -14.21 15.77 6.48
CA VAL B 236 -13.92 15.28 5.13
C VAL B 236 -13.12 13.97 5.16
N PHE B 237 -13.34 13.16 6.19
CA PHE B 237 -12.64 11.89 6.31
C PHE B 237 -13.42 10.73 5.69
N VAL B 238 -12.71 9.88 4.95
CA VAL B 238 -13.30 8.64 4.43
C VAL B 238 -12.31 7.48 4.58
N GLY B 239 -12.83 6.30 4.89
CA GLY B 239 -12.00 5.12 5.03
C GLY B 239 -12.39 4.27 6.22
N GLU B 240 -11.93 3.02 6.25
CA GLU B 240 -12.24 2.16 7.38
C GLU B 240 -11.01 1.87 8.22
N ILE B 241 -11.21 1.79 9.53
CA ILE B 241 -10.16 1.48 10.47
C ILE B 241 -10.62 0.32 11.34
N VAL B 242 -10.26 -0.89 10.96
CA VAL B 242 -10.74 -2.09 11.65
C VAL B 242 -9.77 -2.55 12.73
N CYS B 243 -10.32 -2.94 13.87
CA CYS B 243 -9.51 -3.41 14.98
C CYS B 243 -8.86 -4.75 14.67
N GLU B 244 -7.54 -4.77 14.67
CA GLU B 244 -6.79 -6.00 14.54
C GLU B 244 -6.73 -6.70 15.90
N THR B 245 -6.56 -5.90 16.94
CA THR B 245 -6.44 -6.37 18.32
C THR B 245 -7.42 -5.59 19.19
N PRO B 246 -8.10 -6.26 20.14
CA PRO B 246 -8.08 -7.70 20.46
C PRO B 246 -9.19 -8.51 19.77
N PHE B 247 -9.25 -9.81 20.09
CA PHE B 247 -10.17 -10.75 19.46
C PHE B 247 -11.63 -10.32 19.57
N ARG B 248 -11.99 -9.78 20.74
CA ARG B 248 -13.33 -9.29 20.97
C ARG B 248 -13.74 -8.23 19.95
N LEU B 249 -12.81 -7.32 19.66
CA LEU B 249 -13.11 -6.20 18.78
C LEU B 249 -12.65 -6.44 17.35
N HIS B 250 -12.15 -7.65 17.09
CA HIS B 250 -11.72 -8.06 15.76
C HIS B 250 -12.72 -7.68 14.67
N GLY B 251 -12.24 -6.99 13.65
CA GLY B 251 -13.05 -6.65 12.49
C GLY B 251 -13.88 -5.39 12.62
N LYS B 252 -14.19 -5.00 13.86
CA LYS B 252 -15.03 -3.84 14.12
C LYS B 252 -14.37 -2.54 13.66
N ASP B 253 -15.13 -1.71 12.94
CA ASP B 253 -14.62 -0.43 12.47
C ASP B 253 -14.67 0.61 13.58
N VAL B 254 -13.50 1.08 13.99
CA VAL B 254 -13.34 1.99 15.12
C VAL B 254 -14.32 3.17 15.09
N THR B 255 -14.56 3.70 13.91
CA THR B 255 -15.51 4.80 13.73
C THR B 255 -16.90 4.44 14.26
N GLN B 256 -17.31 3.19 14.03
CA GLN B 256 -18.58 2.71 14.54
C GLN B 256 -18.53 2.53 16.05
N LEU B 257 -17.35 2.27 16.57
CA LEU B 257 -17.16 1.94 17.98
C LEU B 257 -17.38 3.13 18.91
N THR B 258 -17.43 2.84 20.20
CA THR B 258 -17.68 3.85 21.22
C THR B 258 -16.58 3.86 22.28
N ARG B 259 -16.53 4.94 23.06
CA ARG B 259 -15.50 5.13 24.07
C ARG B 259 -15.61 4.11 25.20
N GLN B 260 -16.83 3.58 25.37
CA GLN B 260 -17.14 2.65 26.44
C GLN B 260 -16.86 1.23 25.98
N ASP B 261 -17.03 1.01 24.66
CA ASP B 261 -16.63 -0.25 24.03
C ASP B 261 -15.12 -0.44 24.13
N LEU B 262 -14.42 0.67 24.35
CA LEU B 262 -12.95 0.66 24.37
C LEU B 262 -12.37 0.63 25.78
N CYS B 263 -13.17 1.00 26.77
CA CYS B 263 -12.72 0.94 28.17
C CYS B 263 -13.60 -0.01 28.98
#